data_5HHI
#
_entry.id   5HHI
#
_cell.length_a   54.372
_cell.length_b   80.119
_cell.length_c   54.674
_cell.angle_alpha   90.00
_cell.angle_beta   108.94
_cell.angle_gamma   90.00
#
_symmetry.space_group_name_H-M   'P 1 21 1'
#
loop_
_entity.id
_entity.type
_entity.pdbx_description
1 polymer 'DNA polymerase beta'
2 polymer "DNA (5'-D(*CP*CP*GP*AP*CP*GP*GP*AP*GP*GP*AP*GP*CP*AP*GP*G)-3')"
3 polymer "DNA (5'-D(P*CP*CP*TP*GP*CP*TP*CP*CP*TP*C)-3')"
4 polymer "DNA (5'-D(P*GP*TP*CP*GP*G)-3')"
5 non-polymer 'SODIUM ION'
6 non-polymer 'platinum(4+) chloride azanide [2-(9H-carbazol-9-yl)ethyl]azanide (1:1:2:1)'
7 water water
#
loop_
_entity_poly.entity_id
_entity_poly.type
_entity_poly.pdbx_seq_one_letter_code
_entity_poly.pdbx_strand_id
1 'polypeptide(L)'
;PQETLNGGITDMLTELANFEKNVSQAIHKYNAYRKAASVIAKYPHKIKSGAEAKKLPGVGTKIAEKIDEFLATGKLRKLE
KIRQDDTSSSINFLTRVSGIGPSAARKFVDEGIKTLEDLRKNEDKLNHHQRIGLKYFGDFEKRIPREEMLQMQDIVLNEV
KKVDSEYIATVCGSFRRGAESSGDMDVLLTHPSFTSESTKQPKLLHQVVEQLQKVHFITDTLSKGETKFMGVCQLPSKND
EKEYPHRRIDIRLIPKDQYYCGVLYFTGSDIFNKNMRAHALEKGFTINEYTIRPLGVTGVAGEPLPVDSEKDIFDYIQWK
YREPKDRSE
;
A
2 'polydeoxyribonucleotide' (DC)(DC)(DG)(DA)(DC)(DG)(DG)(DA)(DG)(DG)(DA)(DG)(DC)(DA)(DG)(DG) T
3 'polydeoxyribonucleotide' (DC)(DC)(DT)(DG)(DC)(DT)(DC)(DC)(DT)(DC) P
4 'polydeoxyribonucleotide' (DG)(DT)(DC)(DG)(DG) D
#
loop_
_chem_comp.id
_chem_comp.type
_chem_comp.name
_chem_comp.formula
61C non-polymer 'platinum(4+) chloride azanide [2-(9H-carbazol-9-yl)ethyl]azanide (1:1:2:1)' 'C14 H17 Cl N4 Pt'
DA DNA linking 2'-DEOXYADENOSINE-5'-MONOPHOSPHATE 'C10 H14 N5 O6 P'
DC DNA linking 2'-DEOXYCYTIDINE-5'-MONOPHOSPHATE 'C9 H14 N3 O7 P'
DG DNA linking 2'-DEOXYGUANOSINE-5'-MONOPHOSPHATE 'C10 H14 N5 O7 P'
DT DNA linking THYMIDINE-5'-MONOPHOSPHATE 'C10 H15 N2 O8 P'
NA non-polymer 'SODIUM ION' 'Na 1'
#
# COMPACT_ATOMS: atom_id res chain seq x y z
N PRO A 1 -15.02 16.96 -1.02
CA PRO A 1 -16.25 16.17 -1.13
C PRO A 1 -16.57 15.42 0.17
N GLN A 2 -17.71 15.75 0.76
CA GLN A 2 -18.05 15.31 2.11
C GLN A 2 -18.25 13.80 2.18
N GLU A 3 -18.43 13.31 3.41
CA GLU A 3 -18.64 11.88 3.63
C GLU A 3 -19.89 11.39 2.91
N THR A 4 -20.90 12.25 2.75
CA THR A 4 -22.10 11.93 2.00
C THR A 4 -22.30 13.01 0.92
N LEU A 5 -21.46 12.95 -0.11
CA LEU A 5 -21.64 13.79 -1.29
C LEU A 5 -21.87 12.92 -2.52
N ASN A 6 -20.84 12.24 -3.02
CA ASN A 6 -21.00 11.15 -3.99
C ASN A 6 -20.63 9.81 -3.37
N GLY A 7 -20.72 9.72 -2.04
CA GLY A 7 -20.25 8.54 -1.34
C GLY A 7 -20.97 7.27 -1.74
N GLY A 8 -22.25 7.38 -2.12
CA GLY A 8 -22.97 6.21 -2.60
C GLY A 8 -22.38 5.67 -3.89
N ILE A 9 -21.96 6.57 -4.79
CA ILE A 9 -21.34 6.15 -6.04
C ILE A 9 -19.96 5.56 -5.77
N THR A 10 -19.14 6.26 -4.99
CA THR A 10 -17.75 5.85 -4.79
C THR A 10 -17.67 4.51 -4.04
N ASP A 11 -18.51 4.33 -3.03
CA ASP A 11 -18.54 3.04 -2.32
C ASP A 11 -18.92 1.92 -3.27
N MET A 12 -19.86 2.17 -4.17
CA MET A 12 -20.29 1.17 -5.14
C MET A 12 -19.18 0.86 -6.14
N LEU A 13 -18.44 1.88 -6.57
CA LEU A 13 -17.34 1.67 -7.51
C LEU A 13 -16.24 0.82 -6.88
N THR A 14 -15.80 1.18 -5.67
CA THR A 14 -14.77 0.40 -5.00
C THR A 14 -15.25 -1.00 -4.67
N GLU A 15 -16.53 -1.16 -4.38
CA GLU A 15 -17.10 -2.49 -4.21
C GLU A 15 -16.99 -3.29 -5.51
N LEU A 16 -17.24 -2.62 -6.64
CA LEU A 16 -17.03 -3.27 -7.94
C LEU A 16 -15.55 -3.53 -8.17
N ALA A 17 -14.69 -2.62 -7.72
CA ALA A 17 -13.24 -2.83 -7.85
C ALA A 17 -12.79 -4.06 -7.08
N ASN A 18 -13.29 -4.22 -5.85
CA ASN A 18 -12.91 -5.39 -5.06
C ASN A 18 -13.38 -6.68 -5.70
N PHE A 19 -14.61 -6.68 -6.23
CA PHE A 19 -15.12 -7.89 -6.89
C PHE A 19 -14.29 -8.23 -8.12
N GLU A 20 -13.86 -7.22 -8.88
CA GLU A 20 -13.04 -7.49 -10.06
C GLU A 20 -11.66 -8.03 -9.66
N LYS A 21 -11.06 -7.45 -8.62
CA LYS A 21 -9.73 -7.90 -8.21
C LYS A 21 -9.77 -9.31 -7.62
N ASN A 22 -10.69 -9.55 -6.69
CA ASN A 22 -10.66 -10.78 -5.90
C ASN A 22 -11.33 -11.95 -6.64
N VAL A 23 -12.46 -11.71 -7.27
CA VAL A 23 -13.24 -12.78 -7.90
C VAL A 23 -12.92 -12.92 -9.38
N SER A 24 -13.00 -11.82 -10.14
CA SER A 24 -12.80 -11.89 -11.58
C SER A 24 -11.32 -11.97 -11.96
N GLN A 25 -10.41 -11.55 -11.08
CA GLN A 25 -8.98 -11.50 -11.37
C GLN A 25 -8.70 -10.59 -12.57
N ALA A 26 -9.17 -9.34 -12.46
CA ALA A 26 -9.00 -8.32 -13.50
C ALA A 26 -8.43 -7.08 -12.81
N ILE A 27 -7.12 -7.09 -12.56
CA ILE A 27 -6.47 -6.00 -11.84
C ILE A 27 -6.62 -4.68 -12.59
N HIS A 28 -6.79 -4.74 -13.91
CA HIS A 28 -6.88 -3.51 -14.70
C HIS A 28 -8.29 -2.93 -14.63
N LYS A 29 -9.32 -3.77 -14.61
CA LYS A 29 -10.65 -3.27 -14.27
C LYS A 29 -10.69 -2.80 -12.82
N TYR A 30 -10.00 -3.50 -11.93
CA TYR A 30 -9.91 -3.09 -10.54
C TYR A 30 -9.27 -1.71 -10.42
N ASN A 31 -8.14 -1.50 -11.10
CA ASN A 31 -7.51 -0.18 -11.11
C ASN A 31 -8.37 0.85 -11.83
N ALA A 32 -9.17 0.41 -12.80
CA ALA A 32 -10.04 1.33 -13.52
C ALA A 32 -11.18 1.81 -12.62
N TYR A 33 -11.79 0.90 -11.86
CA TYR A 33 -12.84 1.31 -10.93
C TYR A 33 -12.29 2.19 -9.82
N ARG A 34 -11.10 1.85 -9.31
CA ARG A 34 -10.46 2.68 -8.28
C ARG A 34 -10.16 4.07 -8.82
N LYS A 35 -9.74 4.17 -10.08
CA LYS A 35 -9.42 5.46 -10.67
C LYS A 35 -10.66 6.32 -10.79
N ALA A 36 -11.75 5.77 -11.34
CA ALA A 36 -12.99 6.51 -11.43
C ALA A 36 -13.55 6.84 -10.05
N ALA A 37 -13.37 5.93 -9.08
CA ALA A 37 -13.78 6.23 -7.72
C ALA A 37 -12.96 7.36 -7.12
N SER A 38 -11.67 7.42 -7.47
CA SER A 38 -10.81 8.46 -6.93
C SER A 38 -11.15 9.83 -7.53
N VAL A 39 -11.31 9.89 -8.86
CA VAL A 39 -11.56 11.17 -9.51
C VAL A 39 -12.94 11.72 -9.17
N ILE A 40 -13.89 10.86 -8.79
CA ILE A 40 -15.19 11.34 -8.35
C ILE A 40 -15.13 11.82 -6.90
N ALA A 41 -14.24 11.22 -6.09
CA ALA A 41 -14.07 11.63 -4.71
C ALA A 41 -13.42 13.01 -4.59
N LYS A 42 -12.96 13.60 -5.68
CA LYS A 42 -12.44 14.96 -5.70
C LYS A 42 -13.30 15.89 -6.53
N TYR A 43 -14.49 15.45 -6.94
CA TYR A 43 -15.38 16.25 -7.78
C TYR A 43 -16.30 17.06 -6.89
N PRO A 44 -16.18 18.40 -6.85
CA PRO A 44 -16.90 19.23 -5.88
C PRO A 44 -18.34 19.55 -6.25
N HIS A 45 -19.07 18.54 -6.73
CA HIS A 45 -20.50 18.68 -6.98
C HIS A 45 -21.16 17.33 -6.73
N LYS A 46 -22.46 17.35 -6.47
CA LYS A 46 -23.25 16.12 -6.38
C LYS A 46 -23.73 15.75 -7.78
N ILE A 47 -23.41 14.55 -8.21
CA ILE A 47 -23.65 14.12 -9.58
C ILE A 47 -25.13 13.81 -9.77
N LYS A 48 -25.72 14.33 -10.85
CA LYS A 48 -27.11 14.08 -11.19
C LYS A 48 -27.30 13.15 -12.38
N SER A 49 -26.23 12.83 -13.10
CA SER A 49 -26.34 11.97 -14.28
C SER A 49 -24.98 11.33 -14.56
N GLY A 50 -25.02 10.18 -15.24
CA GLY A 50 -23.79 9.52 -15.61
C GLY A 50 -22.94 10.34 -16.56
N ALA A 51 -23.58 11.09 -17.45
CA ALA A 51 -22.83 11.93 -18.38
C ALA A 51 -22.14 13.08 -17.68
N GLU A 52 -22.66 13.49 -16.52
CA GLU A 52 -22.01 14.56 -15.75
C GLU A 52 -20.64 14.11 -15.24
N ALA A 53 -20.54 12.86 -14.77
CA ALA A 53 -19.28 12.34 -14.27
C ALA A 53 -18.38 11.86 -15.41
N LYS A 54 -18.96 11.46 -16.54
CA LYS A 54 -18.16 10.95 -17.65
C LYS A 54 -17.19 12.01 -18.19
N LYS A 55 -17.45 13.29 -17.94
CA LYS A 55 -16.49 14.32 -18.30
C LYS A 55 -15.16 14.13 -17.57
N LEU A 56 -15.20 13.51 -16.39
CA LEU A 56 -13.99 13.38 -15.57
C LEU A 56 -13.09 12.28 -16.13
N PRO A 57 -11.77 12.49 -16.11
CA PRO A 57 -10.84 11.47 -16.63
C PRO A 57 -10.85 10.22 -15.77
N GLY A 58 -11.17 9.08 -16.39
CA GLY A 58 -11.30 7.81 -15.70
C GLY A 58 -12.72 7.29 -15.68
N VAL A 59 -13.71 8.14 -15.91
CA VAL A 59 -15.11 7.74 -15.98
C VAL A 59 -15.51 7.69 -17.44
N GLY A 60 -16.07 6.56 -17.88
CA GLY A 60 -16.38 6.32 -19.26
C GLY A 60 -17.82 5.91 -19.46
N THR A 61 -18.03 5.11 -20.52
CA THR A 61 -19.38 4.76 -20.94
C THR A 61 -20.04 3.80 -19.97
N LYS A 62 -19.39 2.67 -19.67
CA LYS A 62 -20.02 1.64 -18.86
C LYS A 62 -20.30 2.13 -17.44
N ILE A 63 -19.41 2.96 -16.89
CA ILE A 63 -19.61 3.46 -15.53
C ILE A 63 -20.74 4.49 -15.51
N ALA A 64 -20.90 5.27 -16.58
CA ALA A 64 -21.95 6.28 -16.62
C ALA A 64 -23.33 5.64 -16.51
N GLU A 65 -23.57 4.55 -17.25
CA GLU A 65 -24.84 3.85 -17.15
C GLU A 65 -24.99 3.12 -15.81
N LYS A 66 -23.87 2.77 -15.16
CA LYS A 66 -23.95 2.24 -13.80
C LYS A 66 -24.32 3.33 -12.81
N ILE A 67 -23.78 4.54 -13.00
CA ILE A 67 -24.20 5.68 -12.19
C ILE A 67 -25.66 6.01 -12.46
N ASP A 68 -26.07 5.96 -13.72
CA ASP A 68 -27.45 6.27 -14.07
C ASP A 68 -28.43 5.31 -13.39
N GLU A 69 -28.12 4.01 -13.40
CA GLU A 69 -28.98 3.04 -12.73
C GLU A 69 -29.00 3.28 -11.23
N PHE A 70 -27.85 3.61 -10.65
CA PHE A 70 -27.78 3.84 -9.21
C PHE A 70 -28.66 5.01 -8.78
N LEU A 71 -28.60 6.11 -9.53
CA LEU A 71 -29.43 7.27 -9.19
C LEU A 71 -30.92 6.93 -9.30
N ALA A 72 -31.30 6.16 -10.32
CA ALA A 72 -32.70 5.87 -10.54
C ALA A 72 -33.26 4.92 -9.50
N THR A 73 -32.47 3.94 -9.07
CA THR A 73 -32.97 2.88 -8.20
C THR A 73 -32.29 2.79 -6.84
N GLY A 74 -31.18 3.50 -6.62
CA GLY A 74 -30.46 3.35 -5.37
C GLY A 74 -29.73 2.03 -5.21
N LYS A 75 -29.65 1.23 -6.27
CA LYS A 75 -28.99 -0.06 -6.23
C LYS A 75 -28.49 -0.39 -7.63
N LEU A 76 -27.83 -1.54 -7.75
CA LEU A 76 -27.44 -2.10 -9.05
C LEU A 76 -27.80 -3.57 -9.06
N ARG A 77 -28.59 -3.98 -10.06
CA ARG A 77 -29.07 -5.35 -10.11
C ARG A 77 -27.92 -6.35 -10.09
N LYS A 78 -26.85 -6.07 -10.84
CA LYS A 78 -25.69 -6.94 -10.86
C LYS A 78 -24.96 -6.97 -9.52
N LEU A 79 -24.67 -5.78 -8.99
CA LEU A 79 -23.90 -5.69 -7.75
C LEU A 79 -24.64 -6.37 -6.61
N GLU A 80 -25.94 -6.09 -6.48
CA GLU A 80 -26.75 -6.78 -5.48
C GLU A 80 -26.77 -8.29 -5.71
N LYS A 81 -26.73 -8.71 -6.98
CA LYS A 81 -26.65 -10.14 -7.27
C LYS A 81 -25.32 -10.72 -6.81
N ILE A 82 -24.24 -9.95 -6.88
CA ILE A 82 -22.93 -10.44 -6.46
C ILE A 82 -22.89 -10.64 -4.95
N ARG A 83 -23.56 -9.75 -4.20
CA ARG A 83 -23.56 -9.85 -2.75
C ARG A 83 -24.15 -11.18 -2.28
N GLN A 84 -25.31 -11.54 -2.81
CA GLN A 84 -26.00 -12.75 -2.38
C GLN A 84 -25.41 -14.02 -2.97
N ASP A 85 -24.53 -13.91 -3.96
CA ASP A 85 -23.87 -15.09 -4.52
C ASP A 85 -22.88 -15.62 -3.51
N ASP A 86 -23.15 -16.82 -2.99
CA ASP A 86 -22.37 -17.33 -1.85
C ASP A 86 -20.91 -17.55 -2.21
N THR A 87 -20.63 -18.04 -3.42
CA THR A 87 -19.25 -18.35 -3.77
C THR A 87 -18.44 -17.10 -4.10
N SER A 88 -19.06 -16.07 -4.67
CA SER A 88 -18.34 -14.83 -4.96
C SER A 88 -18.05 -14.07 -3.68
N SER A 89 -19.08 -13.89 -2.83
CA SER A 89 -18.90 -13.21 -1.57
C SER A 89 -17.99 -13.97 -0.61
N SER A 90 -17.79 -15.27 -0.83
CA SER A 90 -16.85 -16.03 -0.02
C SER A 90 -15.41 -15.78 -0.47
N ILE A 91 -15.18 -15.83 -1.78
CA ILE A 91 -13.86 -15.51 -2.33
C ILE A 91 -13.45 -14.10 -1.93
N ASN A 92 -14.41 -13.17 -1.92
CA ASN A 92 -14.13 -11.80 -1.52
C ASN A 92 -13.59 -11.74 -0.09
N PHE A 93 -14.30 -12.38 0.84
CA PHE A 93 -13.93 -12.28 2.25
C PHE A 93 -12.59 -12.95 2.53
N LEU A 94 -12.37 -14.14 1.96
CA LEU A 94 -11.16 -14.90 2.27
C LEU A 94 -9.89 -14.13 1.87
N THR A 95 -9.98 -13.27 0.85
CA THR A 95 -8.81 -12.49 0.46
C THR A 95 -8.43 -11.43 1.48
N ARG A 96 -9.28 -11.17 2.48
CA ARG A 96 -8.90 -10.26 3.55
C ARG A 96 -7.86 -10.86 4.49
N VAL A 97 -7.61 -12.16 4.39
CA VAL A 97 -6.53 -12.80 5.14
C VAL A 97 -5.23 -12.56 4.39
N SER A 98 -4.24 -11.99 5.07
CA SER A 98 -2.95 -11.74 4.45
C SER A 98 -2.30 -13.05 4.02
N GLY A 99 -1.91 -13.12 2.76
CA GLY A 99 -1.39 -14.34 2.17
C GLY A 99 -2.40 -15.10 1.33
N ILE A 100 -3.68 -14.76 1.42
CA ILE A 100 -4.73 -15.35 0.59
C ILE A 100 -5.09 -14.33 -0.48
N GLY A 101 -4.65 -14.57 -1.71
CA GLY A 101 -5.02 -13.73 -2.82
C GLY A 101 -6.19 -14.32 -3.58
N PRO A 102 -6.44 -13.81 -4.79
CA PRO A 102 -7.59 -14.31 -5.57
C PRO A 102 -7.45 -15.77 -5.97
N SER A 103 -6.23 -16.26 -6.19
CA SER A 103 -6.06 -17.64 -6.64
C SER A 103 -6.28 -18.64 -5.52
N ALA A 104 -5.77 -18.36 -4.32
CA ALA A 104 -5.96 -19.28 -3.22
C ALA A 104 -7.35 -19.21 -2.61
N ALA A 105 -7.99 -18.04 -2.68
CA ALA A 105 -9.34 -17.91 -2.12
C ALA A 105 -10.35 -18.75 -2.88
N ARG A 106 -10.16 -18.93 -4.19
CA ARG A 106 -11.07 -19.76 -4.96
C ARG A 106 -10.86 -21.24 -4.66
N LYS A 107 -9.60 -21.67 -4.56
CA LYS A 107 -9.31 -23.06 -4.23
C LYS A 107 -10.00 -23.44 -2.91
N PHE A 108 -9.85 -22.60 -1.89
CA PHE A 108 -10.50 -22.85 -0.61
C PHE A 108 -12.01 -22.96 -0.76
N VAL A 109 -12.61 -22.05 -1.53
CA VAL A 109 -14.07 -22.03 -1.63
C VAL A 109 -14.59 -23.23 -2.42
N ASP A 110 -13.85 -23.66 -3.46
CA ASP A 110 -14.35 -24.77 -4.26
C ASP A 110 -14.28 -26.08 -3.48
N GLU A 111 -13.31 -26.23 -2.57
CA GLU A 111 -13.26 -27.38 -1.69
C GLU A 111 -13.93 -27.11 -0.35
N GLY A 112 -14.88 -26.17 -0.33
CA GLY A 112 -15.78 -26.00 0.80
C GLY A 112 -15.32 -25.07 1.90
N ILE A 113 -14.08 -24.61 1.86
CA ILE A 113 -13.55 -23.74 2.92
C ILE A 113 -13.95 -22.31 2.63
N LYS A 114 -14.72 -21.71 3.54
CA LYS A 114 -15.33 -20.41 3.27
C LYS A 114 -15.24 -19.40 4.41
N THR A 115 -14.63 -19.74 5.54
CA THR A 115 -14.60 -18.83 6.68
C THR A 115 -13.25 -18.94 7.39
N LEU A 116 -13.06 -18.09 8.40
CA LEU A 116 -11.87 -18.17 9.24
C LEU A 116 -11.86 -19.49 10.01
N GLU A 117 -12.98 -19.83 10.65
CA GLU A 117 -13.07 -21.11 11.36
C GLU A 117 -12.84 -22.29 10.43
N ASP A 118 -13.28 -22.17 9.17
CA ASP A 118 -12.95 -23.20 8.19
C ASP A 118 -11.45 -23.28 7.96
N LEU A 119 -10.78 -22.12 7.91
CA LEU A 119 -9.33 -22.11 7.76
C LEU A 119 -8.65 -22.62 9.02
N ARG A 120 -9.11 -22.19 10.20
CA ARG A 120 -8.53 -22.67 11.45
C ARG A 120 -8.72 -24.17 11.64
N LYS A 121 -9.73 -24.75 10.99
CA LYS A 121 -9.92 -26.20 11.00
C LYS A 121 -9.19 -26.91 9.87
N ASN A 122 -8.43 -26.17 9.05
CA ASN A 122 -7.70 -26.73 7.93
C ASN A 122 -6.32 -26.09 7.81
N GLU A 123 -5.60 -26.06 8.93
CA GLU A 123 -4.27 -25.45 8.98
C GLU A 123 -3.28 -26.15 8.06
N ASP A 124 -3.53 -27.41 7.71
CA ASP A 124 -2.60 -28.16 6.88
C ASP A 124 -2.47 -27.56 5.48
N LYS A 125 -3.52 -26.92 4.99
CA LYS A 125 -3.55 -26.38 3.63
C LYS A 125 -3.09 -24.92 3.56
N LEU A 126 -2.63 -24.36 4.67
CA LEU A 126 -2.17 -22.98 4.72
C LEU A 126 -0.65 -22.95 4.81
N ASN A 127 -0.03 -22.01 4.10
CA ASN A 127 1.40 -21.82 4.23
C ASN A 127 1.70 -20.94 5.44
N HIS A 128 2.98 -20.65 5.66
CA HIS A 128 3.38 -19.92 6.85
C HIS A 128 2.78 -18.52 6.88
N HIS A 129 2.83 -17.81 5.75
CA HIS A 129 2.25 -16.48 5.66
C HIS A 129 0.76 -16.51 6.02
N GLN A 130 0.03 -17.47 5.45
CA GLN A 130 -1.42 -17.50 5.65
C GLN A 130 -1.79 -17.88 7.08
N ARG A 131 -0.97 -18.70 7.74
CA ARG A 131 -1.23 -19.01 9.14
C ARG A 131 -1.07 -17.77 10.01
N ILE A 132 -0.07 -16.93 9.72
CA ILE A 132 0.09 -15.68 10.44
C ILE A 132 -1.06 -14.74 10.13
N GLY A 133 -1.41 -14.59 8.85
CA GLY A 133 -2.51 -13.72 8.47
C GLY A 133 -3.82 -14.15 9.11
N LEU A 134 -4.04 -15.45 9.23
CA LEU A 134 -5.23 -15.94 9.91
C LEU A 134 -5.17 -15.63 11.41
N LYS A 135 -3.97 -15.69 12.00
CA LYS A 135 -3.83 -15.48 13.43
C LYS A 135 -4.14 -14.03 13.82
N TYR A 136 -3.64 -13.07 13.06
CA TYR A 136 -3.85 -11.66 13.34
C TYR A 136 -4.85 -11.03 12.37
N PHE A 137 -5.91 -11.78 12.02
CA PHE A 137 -6.90 -11.25 11.08
C PHE A 137 -7.55 -9.99 11.63
N GLY A 138 -7.81 -9.93 12.93
CA GLY A 138 -8.42 -8.76 13.52
C GLY A 138 -7.44 -7.60 13.66
N ASP A 139 -6.20 -7.90 14.04
CA ASP A 139 -5.19 -6.86 14.25
C ASP A 139 -4.85 -6.16 12.95
N PHE A 140 -4.62 -6.93 11.88
CA PHE A 140 -4.10 -6.37 10.63
C PHE A 140 -5.08 -5.41 9.97
N GLU A 141 -6.37 -5.53 10.24
CA GLU A 141 -7.35 -4.61 9.70
C GLU A 141 -7.55 -3.37 10.56
N LYS A 142 -7.04 -3.37 11.79
CA LYS A 142 -7.07 -2.17 12.61
C LYS A 142 -6.06 -1.16 12.10
N ARG A 143 -6.39 0.12 12.28
CA ARG A 143 -5.49 1.21 11.94
C ARG A 143 -4.56 1.50 13.11
N ILE A 144 -3.47 2.20 12.81
CA ILE A 144 -2.45 2.51 13.81
C ILE A 144 -2.47 4.02 14.03
N PRO A 145 -2.91 4.50 15.20
CA PRO A 145 -2.84 5.94 15.48
C PRO A 145 -1.40 6.42 15.50
N ARG A 146 -1.24 7.73 15.25
CA ARG A 146 0.09 8.29 15.06
C ARG A 146 0.95 8.15 16.31
N GLU A 147 0.34 8.33 17.49
CA GLU A 147 1.10 8.22 18.73
C GLU A 147 1.78 6.86 18.86
N GLU A 148 1.08 5.79 18.49
CA GLU A 148 1.70 4.47 18.51
C GLU A 148 2.72 4.32 17.38
N MET A 149 2.43 4.91 16.22
CA MET A 149 3.39 4.86 15.11
C MET A 149 4.70 5.55 15.48
N LEU A 150 4.65 6.62 16.26
CA LEU A 150 5.87 7.31 16.66
C LEU A 150 6.62 6.53 17.73
N GLN A 151 5.89 5.89 18.65
CA GLN A 151 6.53 4.98 19.59
C GLN A 151 7.17 3.80 18.86
N MET A 152 6.52 3.33 17.80
CA MET A 152 7.11 2.26 16.99
C MET A 152 8.38 2.75 16.28
N GLN A 153 8.36 3.99 15.78
CA GLN A 153 9.56 4.55 15.17
C GLN A 153 10.67 4.74 16.20
N ASP A 154 10.31 5.08 17.44
CA ASP A 154 11.32 5.21 18.49
C ASP A 154 12.12 3.92 18.63
N ILE A 155 11.43 2.78 18.66
CA ILE A 155 12.12 1.51 18.82
C ILE A 155 12.97 1.20 17.58
N VAL A 156 12.40 1.37 16.39
CA VAL A 156 13.13 1.04 15.16
C VAL A 156 14.39 1.87 15.06
N LEU A 157 14.28 3.20 15.19
CA LEU A 157 15.45 4.06 15.09
C LEU A 157 16.46 3.73 16.19
N ASN A 158 15.98 3.50 17.42
CA ASN A 158 16.90 3.24 18.52
C ASN A 158 17.68 1.95 18.31
N GLU A 159 17.01 0.90 17.87
CA GLU A 159 17.69 -0.38 17.66
C GLU A 159 18.50 -0.39 16.37
N VAL A 160 18.06 0.34 15.35
CA VAL A 160 18.82 0.42 14.10
C VAL A 160 20.17 1.08 14.34
N LYS A 161 20.18 2.20 15.06
CA LYS A 161 21.43 2.91 15.31
C LYS A 161 22.39 2.06 16.14
N LYS A 162 21.86 1.31 17.11
CA LYS A 162 22.71 0.55 18.02
C LYS A 162 23.30 -0.71 17.38
N VAL A 163 22.89 -1.07 16.17
CA VAL A 163 23.57 -2.11 15.41
C VAL A 163 24.76 -1.54 14.64
N ASP A 164 24.57 -0.40 13.98
CA ASP A 164 25.63 0.28 13.24
C ASP A 164 25.18 1.71 13.03
N SER A 165 25.93 2.67 13.58
CA SER A 165 25.52 4.07 13.57
C SER A 165 25.50 4.70 12.18
N GLU A 166 25.93 3.98 11.15
CA GLU A 166 25.89 4.50 9.79
C GLU A 166 24.69 3.99 8.99
N TYR A 167 23.86 3.14 9.58
CA TYR A 167 22.56 2.86 8.99
C TYR A 167 21.74 4.14 8.90
N ILE A 168 21.04 4.31 7.78
CA ILE A 168 20.07 5.39 7.63
C ILE A 168 18.70 4.76 7.48
N ALA A 169 17.81 5.05 8.44
CA ALA A 169 16.49 4.45 8.48
C ALA A 169 15.44 5.55 8.42
N THR A 170 14.54 5.44 7.44
CA THR A 170 13.46 6.40 7.27
C THR A 170 12.13 5.65 7.26
N VAL A 171 11.21 6.07 8.12
CA VAL A 171 9.85 5.54 8.10
C VAL A 171 9.06 6.35 7.08
N CYS A 172 8.49 5.64 6.09
CA CYS A 172 7.80 6.27 4.97
C CYS A 172 6.30 6.06 5.15
N GLY A 173 5.57 6.01 4.04
CA GLY A 173 4.12 5.87 4.09
C GLY A 173 3.44 7.17 4.50
N SER A 174 2.14 7.03 4.80
CA SER A 174 1.34 8.20 5.19
C SER A 174 1.83 8.80 6.50
N PHE A 175 2.45 7.99 7.36
CA PHE A 175 2.98 8.49 8.62
C PHE A 175 3.94 9.65 8.40
N ARG A 176 4.85 9.51 7.42
CA ARG A 176 5.80 10.57 7.13
C ARG A 176 5.11 11.84 6.63
N ARG A 177 3.90 11.70 6.08
CA ARG A 177 3.13 12.85 5.61
C ARG A 177 2.27 13.47 6.70
N GLY A 178 2.53 13.14 7.96
CA GLY A 178 1.76 13.70 9.06
C GLY A 178 0.37 13.11 9.24
N ALA A 179 0.08 11.96 8.62
CA ALA A 179 -1.24 11.37 8.74
C ALA A 179 -1.50 10.95 10.19
N GLU A 180 -2.74 11.19 10.64
CA GLU A 180 -3.12 10.86 12.00
C GLU A 180 -3.24 9.37 12.25
N SER A 181 -3.18 8.54 11.20
CA SER A 181 -3.25 7.11 11.37
C SER A 181 -2.60 6.43 10.17
N SER A 182 -2.10 5.22 10.40
CA SER A 182 -1.49 4.41 9.36
C SER A 182 -2.12 3.02 9.37
N GLY A 183 -1.82 2.25 8.32
CA GLY A 183 -2.29 0.89 8.24
C GLY A 183 -1.18 -0.11 8.52
N ASP A 184 0.04 0.27 8.18
CA ASP A 184 1.22 -0.54 8.47
C ASP A 184 2.43 0.40 8.53
N MET A 185 3.52 -0.12 9.07
CA MET A 185 4.77 0.63 9.18
C MET A 185 5.71 0.20 8.06
N ASP A 186 6.16 1.18 7.27
CA ASP A 186 7.09 0.94 6.17
C ASP A 186 8.43 1.54 6.54
N VAL A 187 9.48 0.73 6.52
CA VAL A 187 10.82 1.14 6.92
C VAL A 187 11.74 1.03 5.72
N LEU A 188 12.43 2.12 5.40
CA LEU A 188 13.41 2.15 4.32
C LEU A 188 14.80 2.34 4.92
N LEU A 189 15.73 1.46 4.54
CA LEU A 189 17.00 1.30 5.23
C LEU A 189 18.13 1.24 4.21
N THR A 190 19.25 1.87 4.54
CA THR A 190 20.44 1.79 3.69
C THR A 190 21.69 2.00 4.55
N HIS A 191 22.82 1.60 3.99
CA HIS A 191 24.12 1.62 4.66
C HIS A 191 25.17 2.04 3.65
N PRO A 192 26.17 2.83 4.07
CA PRO A 192 27.17 3.33 3.10
C PRO A 192 28.00 2.25 2.44
N SER A 193 27.89 0.98 2.85
CA SER A 193 28.66 -0.11 2.27
C SER A 193 27.85 -0.95 1.28
N PHE A 194 26.80 -0.38 0.70
CA PHE A 194 25.92 -1.12 -0.20
C PHE A 194 25.49 -0.20 -1.33
N THR A 195 25.91 -0.53 -2.55
CA THR A 195 25.54 0.26 -3.73
C THR A 195 25.07 -0.66 -4.85
N SER A 196 25.01 -0.13 -6.07
CA SER A 196 24.61 -0.95 -7.21
C SER A 196 25.60 -2.05 -7.54
N GLU A 197 26.74 -2.09 -6.85
CA GLU A 197 27.74 -3.16 -7.00
C GLU A 197 28.51 -3.22 -5.68
N SER A 198 28.04 -4.09 -4.78
CA SER A 198 28.63 -4.19 -3.44
C SER A 198 28.42 -5.58 -2.84
N GLN A 201 29.07 -6.93 5.31
CA GLN A 201 28.85 -8.28 4.80
C GLN A 201 27.36 -8.58 4.65
N PRO A 202 26.71 -7.92 3.66
CA PRO A 202 25.24 -7.93 3.54
C PRO A 202 24.42 -9.01 4.25
N LYS A 203 24.73 -9.24 5.52
CA LYS A 203 23.73 -9.57 6.52
C LYS A 203 23.08 -8.32 7.09
N LEU A 204 23.19 -7.20 6.35
CA LEU A 204 22.79 -5.90 6.85
C LEU A 204 21.31 -5.89 7.24
N LEU A 205 20.45 -6.42 6.37
CA LEU A 205 19.05 -6.55 6.73
C LEU A 205 18.86 -7.58 7.83
N HIS A 206 19.68 -8.64 7.85
CA HIS A 206 19.52 -9.68 8.85
C HIS A 206 19.85 -9.16 10.24
N GLN A 207 20.97 -8.44 10.38
CA GLN A 207 21.37 -7.93 11.68
C GLN A 207 20.31 -6.99 12.26
N VAL A 208 19.73 -6.14 11.41
CA VAL A 208 18.68 -5.24 11.87
C VAL A 208 17.44 -6.03 12.28
N VAL A 209 17.03 -6.99 11.44
CA VAL A 209 15.85 -7.80 11.76
C VAL A 209 16.08 -8.60 13.04
N GLU A 210 17.27 -9.20 13.16
CA GLU A 210 17.58 -9.98 14.36
C GLU A 210 17.54 -9.12 15.61
N GLN A 211 18.09 -7.91 15.55
CA GLN A 211 18.14 -7.06 16.73
C GLN A 211 16.74 -6.69 17.21
N LEU A 212 15.85 -6.33 16.29
CA LEU A 212 14.47 -6.04 16.66
C LEU A 212 13.73 -7.28 17.11
N GLN A 213 14.22 -8.48 16.77
CA GLN A 213 13.64 -9.71 17.28
C GLN A 213 14.10 -9.97 18.72
N LYS A 214 15.37 -9.70 19.02
CA LYS A 214 15.88 -9.93 20.37
C LYS A 214 15.25 -8.99 21.39
N VAL A 215 14.95 -7.76 21.00
CA VAL A 215 14.29 -6.81 21.89
C VAL A 215 12.79 -7.02 21.79
N HIS A 216 12.38 -8.08 21.10
CA HIS A 216 10.99 -8.54 21.05
C HIS A 216 10.06 -7.47 20.47
N PHE A 217 10.56 -6.71 19.51
CA PHE A 217 9.68 -5.87 18.71
C PHE A 217 9.04 -6.68 17.60
N ILE A 218 9.86 -7.37 16.79
CA ILE A 218 9.35 -8.24 15.74
C ILE A 218 8.89 -9.55 16.35
N THR A 219 7.66 -9.95 16.04
CA THR A 219 7.08 -11.18 16.56
C THR A 219 7.07 -12.33 15.56
N ASP A 220 6.76 -12.04 14.29
CA ASP A 220 6.64 -13.08 13.28
C ASP A 220 7.29 -12.62 11.98
N THR A 221 7.61 -13.59 11.13
CA THR A 221 8.24 -13.35 9.84
C THR A 221 7.34 -13.92 8.75
N LEU A 222 6.82 -13.04 7.89
CA LEU A 222 6.06 -13.51 6.74
C LEU A 222 6.98 -13.91 5.59
N SER A 223 8.01 -13.11 5.33
CA SER A 223 8.98 -13.40 4.30
C SER A 223 10.24 -12.61 4.60
N LYS A 224 11.40 -13.21 4.31
CA LYS A 224 12.67 -12.60 4.67
C LYS A 224 13.72 -12.96 3.63
N GLY A 225 14.43 -11.95 3.14
CA GLY A 225 15.50 -12.16 2.18
C GLY A 225 16.61 -11.13 2.33
N GLU A 226 17.45 -11.00 1.31
CA GLU A 226 18.59 -10.10 1.39
C GLU A 226 18.14 -8.64 1.46
N THR A 227 17.19 -8.25 0.60
CA THR A 227 16.84 -6.84 0.44
C THR A 227 15.48 -6.47 1.00
N LYS A 228 14.59 -7.42 1.23
CA LYS A 228 13.22 -7.09 1.62
C LYS A 228 12.75 -8.00 2.76
N PHE A 229 12.24 -7.37 3.82
CA PHE A 229 11.66 -8.08 4.95
C PHE A 229 10.20 -7.70 5.10
N MET A 230 9.35 -8.68 5.38
CA MET A 230 7.94 -8.46 5.69
C MET A 230 7.60 -9.30 6.92
N GLY A 231 7.11 -8.65 7.96
CA GLY A 231 6.83 -9.33 9.19
C GLY A 231 5.82 -8.61 10.06
N VAL A 232 5.77 -9.04 11.33
CA VAL A 232 4.80 -8.53 12.30
C VAL A 232 5.55 -8.03 13.52
N CYS A 233 5.01 -6.99 14.14
CA CYS A 233 5.62 -6.39 15.33
C CYS A 233 4.52 -6.05 16.34
N GLN A 234 4.94 -5.59 17.51
CA GLN A 234 4.01 -5.20 18.56
C GLN A 234 4.73 -4.36 19.60
N LEU A 235 4.09 -3.27 20.04
CA LEU A 235 4.62 -2.46 21.11
C LEU A 235 4.50 -3.19 22.44
N PRO A 236 5.42 -2.96 23.37
CA PRO A 236 5.32 -3.60 24.69
C PRO A 236 4.13 -3.08 25.47
N SER A 237 3.55 -3.95 26.29
CA SER A 237 2.40 -3.59 27.10
C SER A 237 2.83 -2.90 28.39
N LYS A 238 2.01 -1.96 28.83
CA LYS A 238 2.33 -1.10 29.98
C LYS A 238 1.57 -1.59 31.21
N ASN A 239 2.29 -2.24 32.12
CA ASN A 239 1.76 -2.68 33.42
C ASN A 239 0.60 -3.64 33.17
N ASP A 240 -0.60 -3.40 33.70
CA ASP A 240 -1.71 -4.33 33.59
C ASP A 240 -2.68 -3.97 32.47
N GLU A 241 -2.38 -2.94 31.69
CA GLU A 241 -3.26 -2.57 30.58
C GLU A 241 -3.21 -3.64 29.50
N LYS A 242 -4.30 -3.71 28.72
CA LYS A 242 -4.39 -4.71 27.66
C LYS A 242 -3.28 -4.50 26.63
N GLU A 243 -2.86 -5.60 26.00
CA GLU A 243 -1.72 -5.56 25.11
C GLU A 243 -2.09 -4.96 23.76
N TYR A 244 -1.13 -4.26 23.16
CA TYR A 244 -1.35 -3.63 21.87
C TYR A 244 -1.57 -4.66 20.78
N PRO A 245 -2.28 -4.29 19.71
CA PRO A 245 -2.45 -5.22 18.59
C PRO A 245 -1.15 -5.39 17.81
N HIS A 246 -1.00 -6.57 17.21
CA HIS A 246 0.15 -6.81 16.35
C HIS A 246 0.00 -6.03 15.05
N ARG A 247 1.12 -5.52 14.54
CA ARG A 247 1.12 -4.65 13.38
C ARG A 247 2.01 -5.20 12.28
N ARG A 248 1.66 -4.89 11.03
CA ARG A 248 2.47 -5.28 9.89
C ARG A 248 3.62 -4.30 9.72
N ILE A 249 4.83 -4.83 9.48
CA ILE A 249 6.02 -4.01 9.30
C ILE A 249 6.83 -4.60 8.14
N ASP A 250 7.32 -3.74 7.26
CA ASP A 250 8.22 -4.13 6.19
C ASP A 250 9.49 -3.30 6.27
N ILE A 251 10.63 -3.95 6.02
CA ILE A 251 11.94 -3.30 6.03
C ILE A 251 12.63 -3.67 4.74
N ARG A 252 13.08 -2.66 4.00
CA ARG A 252 13.77 -2.86 2.73
C ARG A 252 15.18 -2.29 2.83
N LEU A 253 16.13 -3.01 2.24
CA LEU A 253 17.51 -2.54 2.12
C LEU A 253 17.70 -2.06 0.69
N ILE A 254 17.83 -0.74 0.52
CA ILE A 254 18.00 -0.13 -0.80
C ILE A 254 19.44 0.34 -0.92
N PRO A 255 20.08 0.17 -2.08
CA PRO A 255 21.43 0.72 -2.26
C PRO A 255 21.44 2.22 -2.02
N LYS A 256 22.60 2.72 -1.58
CA LYS A 256 22.69 4.11 -1.13
C LYS A 256 22.36 5.09 -2.24
N ASP A 257 22.66 4.74 -3.49
CA ASP A 257 22.40 5.64 -4.61
C ASP A 257 20.91 5.71 -4.96
N GLN A 258 20.18 4.62 -4.80
CA GLN A 258 18.76 4.57 -5.11
C GLN A 258 17.88 4.82 -3.89
N TYR A 259 18.46 5.29 -2.79
CA TYR A 259 17.70 5.39 -1.54
C TYR A 259 16.63 6.46 -1.63
N TYR A 260 17.00 7.67 -2.04
CA TYR A 260 16.05 8.79 -2.03
C TYR A 260 15.03 8.70 -3.16
N CYS A 261 15.31 7.93 -4.21
CA CYS A 261 14.24 7.56 -5.13
C CYS A 261 13.22 6.68 -4.42
N GLY A 262 13.70 5.69 -3.67
CA GLY A 262 12.79 4.85 -2.90
C GLY A 262 12.09 5.60 -1.80
N VAL A 263 12.82 6.48 -1.10
CA VAL A 263 12.20 7.29 -0.05
C VAL A 263 11.10 8.16 -0.63
N LEU A 264 11.33 8.76 -1.80
CA LEU A 264 10.31 9.55 -2.46
C LEU A 264 9.11 8.68 -2.83
N TYR A 265 9.36 7.53 -3.46
CA TYR A 265 8.27 6.71 -3.98
C TYR A 265 7.43 6.14 -2.85
N PHE A 266 8.06 5.55 -1.83
CA PHE A 266 7.33 4.90 -0.77
C PHE A 266 6.79 5.86 0.28
N THR A 267 6.96 7.17 0.10
CA THR A 267 6.30 8.15 0.95
C THR A 267 4.93 8.53 0.43
N GLY A 268 4.75 8.58 -0.89
CA GLY A 268 3.46 8.84 -1.47
C GLY A 268 3.02 10.29 -1.40
N SER A 269 1.73 10.55 -1.67
CA SER A 269 0.77 9.52 -2.02
C SER A 269 1.01 9.02 -3.44
N ASP A 270 0.35 7.92 -3.81
CA ASP A 270 0.52 7.41 -5.17
C ASP A 270 0.01 8.42 -6.19
N ILE A 271 -1.17 9.02 -5.93
CA ILE A 271 -1.66 10.13 -6.75
C ILE A 271 -0.58 11.20 -6.86
N PHE A 272 0.01 11.57 -5.72
CA PHE A 272 1.13 12.51 -5.74
C PHE A 272 2.28 11.99 -6.59
N ASN A 273 2.48 10.68 -6.61
CA ASN A 273 3.46 10.11 -7.53
C ASN A 273 2.95 10.08 -8.96
N LYS A 274 1.64 9.92 -9.16
CA LYS A 274 1.11 9.90 -10.53
C LYS A 274 1.25 11.26 -11.21
N ASN A 275 1.12 12.36 -10.47
CA ASN A 275 1.30 13.67 -11.06
C ASN A 275 2.78 14.02 -11.17
N MET A 276 3.57 13.66 -10.16
CA MET A 276 5.00 13.95 -10.20
C MET A 276 5.70 13.08 -11.24
N ARG A 277 5.37 11.79 -11.28
CA ARG A 277 5.79 10.95 -12.41
C ARG A 277 5.44 11.59 -13.74
N ALA A 278 4.32 12.31 -13.79
CA ALA A 278 3.77 12.78 -15.05
C ALA A 278 4.15 14.20 -15.44
N HIS A 279 4.95 14.91 -14.63
CA HIS A 279 5.71 16.01 -15.21
C HIS A 279 7.06 15.54 -15.70
N ALA A 280 7.71 14.64 -14.95
CA ALA A 280 9.09 14.25 -15.29
C ALA A 280 9.20 13.98 -16.79
N LEU A 281 8.32 13.13 -17.32
CA LEU A 281 8.34 12.86 -18.76
C LEU A 281 8.02 14.11 -19.58
N GLU A 282 7.10 14.95 -19.09
CA GLU A 282 6.75 16.23 -19.71
C GLU A 282 8.01 17.05 -19.98
N LYS A 283 8.95 17.01 -19.03
CA LYS A 283 10.18 17.79 -19.10
C LYS A 283 11.41 16.92 -19.35
N GLY A 284 11.21 15.68 -19.81
CA GLY A 284 12.32 14.88 -20.30
C GLY A 284 13.02 14.01 -19.28
N PHE A 285 12.34 13.58 -18.22
CA PHE A 285 12.91 12.68 -17.23
C PHE A 285 11.94 11.56 -16.94
N THR A 286 12.45 10.35 -16.71
CA THR A 286 11.60 9.22 -16.36
C THR A 286 11.95 8.76 -14.95
N ILE A 287 10.92 8.60 -14.13
CA ILE A 287 11.06 8.28 -12.71
C ILE A 287 10.53 6.87 -12.51
N ASN A 288 11.22 6.06 -11.72
CA ASN A 288 10.67 4.81 -11.24
C ASN A 288 10.96 4.75 -9.74
N GLU A 289 10.85 3.55 -9.16
CA GLU A 289 11.12 3.39 -7.74
C GLU A 289 12.61 3.53 -7.45
N TYR A 290 13.47 3.22 -8.42
CA TYR A 290 14.92 3.17 -8.20
C TYR A 290 15.65 4.42 -8.69
N THR A 291 15.30 4.94 -9.87
CA THR A 291 16.17 5.84 -10.58
C THR A 291 15.39 7.03 -11.13
N ILE A 292 16.12 8.11 -11.37
CA ILE A 292 15.69 9.21 -12.22
C ILE A 292 16.59 9.22 -13.45
N ARG A 293 16.00 9.14 -14.63
CA ARG A 293 16.80 8.96 -15.83
C ARG A 293 16.39 9.94 -16.92
N PRO A 294 17.37 10.54 -17.59
CA PRO A 294 17.05 11.56 -18.61
C PRO A 294 16.63 10.94 -19.94
N LEU A 295 15.69 11.62 -20.59
CA LEU A 295 15.23 11.24 -21.93
C LEU A 295 16.15 11.92 -22.95
N GLY A 296 16.13 11.53 -24.23
CA GLY A 296 15.20 10.56 -24.80
C GLY A 296 14.35 11.25 -25.86
N VAL A 297 15.00 11.70 -26.94
CA VAL A 297 14.32 12.53 -27.93
C VAL A 297 13.31 11.71 -28.71
N THR A 298 13.60 10.44 -28.98
CA THR A 298 12.52 9.52 -29.36
C THR A 298 11.74 9.11 -28.12
N GLY A 299 12.45 8.71 -27.07
CA GLY A 299 11.83 8.32 -25.82
C GLY A 299 12.72 7.43 -24.97
N VAL A 300 13.30 6.40 -25.58
CA VAL A 300 14.10 5.44 -24.84
C VAL A 300 15.32 6.13 -24.24
N ALA A 301 15.72 5.67 -23.05
CA ALA A 301 16.71 6.36 -22.22
C ALA A 301 17.84 5.41 -21.86
N GLY A 302 18.85 5.94 -21.18
CA GLY A 302 20.06 5.19 -20.92
C GLY A 302 20.46 4.99 -19.47
N GLU A 303 21.01 6.02 -18.84
CA GLU A 303 21.80 5.93 -17.61
C GLU A 303 21.10 6.59 -16.43
N PRO A 304 21.25 6.04 -15.23
CA PRO A 304 20.74 6.72 -14.03
C PRO A 304 21.71 7.76 -13.53
N LEU A 305 21.15 8.80 -12.94
CA LEU A 305 21.84 10.01 -12.54
C LEU A 305 22.08 10.01 -11.01
N PRO A 306 22.98 10.86 -10.52
CA PRO A 306 23.26 10.87 -9.07
C PRO A 306 22.16 11.55 -8.26
N VAL A 307 21.74 10.88 -7.18
CA VAL A 307 20.77 11.41 -6.23
C VAL A 307 21.36 11.31 -4.84
N ASP A 308 21.45 12.47 -4.16
CA ASP A 308 21.92 12.51 -2.77
C ASP A 308 20.86 13.04 -1.82
N SER A 309 19.71 13.46 -2.32
CA SER A 309 18.65 14.01 -1.49
C SER A 309 17.33 13.84 -2.23
N GLU A 310 16.23 13.97 -1.48
CA GLU A 310 14.92 13.79 -2.10
C GLU A 310 14.62 14.88 -3.12
N LYS A 311 15.02 16.12 -2.81
CA LYS A 311 14.77 17.23 -3.72
C LYS A 311 15.78 17.28 -4.87
N ASP A 312 16.93 16.61 -4.72
CA ASP A 312 17.80 16.37 -5.85
C ASP A 312 16.97 15.90 -7.04
N ILE A 313 15.98 15.05 -6.75
CA ILE A 313 15.00 14.67 -7.75
C ILE A 313 14.08 15.84 -8.10
N PHE A 314 13.60 16.56 -7.08
CA PHE A 314 12.73 17.72 -7.33
C PHE A 314 13.41 18.76 -8.19
N ASP A 315 14.73 18.90 -8.09
CA ASP A 315 15.44 20.00 -8.74
C ASP A 315 15.58 19.77 -10.24
N TYR A 316 15.89 18.55 -10.66
CA TYR A 316 16.01 18.28 -12.10
C TYR A 316 14.66 18.37 -12.79
N ILE A 317 13.59 18.03 -12.07
CA ILE A 317 12.25 18.26 -12.56
C ILE A 317 11.85 19.73 -12.40
N GLN A 318 12.60 20.46 -11.58
CA GLN A 318 12.39 21.89 -11.32
C GLN A 318 11.05 22.13 -10.62
N TRP A 319 10.90 21.47 -9.45
CA TRP A 319 9.77 21.67 -8.53
C TRP A 319 10.22 22.19 -7.16
N LYS A 320 9.64 23.32 -6.76
CA LYS A 320 9.74 23.72 -5.36
C LYS A 320 9.46 22.51 -4.47
N TYR A 321 10.50 22.08 -3.76
CA TYR A 321 10.39 20.97 -2.83
C TYR A 321 9.10 21.07 -2.03
N ARG A 322 8.35 19.98 -2.02
CA ARG A 322 7.14 19.88 -1.22
C ARG A 322 7.42 19.00 -0.01
N GLU A 323 7.19 19.54 1.18
CA GLU A 323 7.30 18.75 2.39
C GLU A 323 6.38 17.54 2.29
N PRO A 324 6.73 16.42 2.93
CA PRO A 324 5.80 15.29 3.03
C PRO A 324 4.46 15.73 3.61
N LYS A 325 4.50 16.84 4.35
CA LYS A 325 3.30 17.43 4.93
C LYS A 325 2.18 17.62 3.90
N ASP A 326 2.54 18.02 2.67
CA ASP A 326 1.55 18.29 1.62
C ASP A 326 1.97 17.63 0.31
N ARG A 327 2.15 16.30 0.35
CA ARG A 327 2.20 15.48 -0.85
C ARG A 327 0.98 14.57 -0.93
N SER A 328 -0.18 15.09 -0.51
CA SER A 328 -1.43 14.36 -0.71
C SER A 328 -1.71 14.14 -2.19
N GLU A 329 -1.28 15.07 -3.03
CA GLU A 329 -1.40 14.94 -4.48
C GLU A 329 -0.47 15.91 -5.19
NA NA E . -5.07 -11.17 1.30
NA NA F . -14.35 10.25 -19.94
C1 61C G . 10.65 -23.53 -6.09
C2 61C G . 10.79 -23.89 -4.79
C3 61C G . 9.76 -24.61 -4.17
C4 61C G . 8.60 -24.93 -4.88
C5 61C G . 8.52 -24.55 -6.23
C6 61C G . 9.53 -23.86 -6.78
C7 61C G . 9.65 -23.40 -8.03
C8 61C G . 8.82 -23.48 -9.05
C9 61C G . 9.16 -22.91 -10.27
C10 61C G . 10.39 -22.27 -10.36
C11 61C G . 11.23 -22.23 -9.28
C12 61C G . 10.85 -22.80 -8.13
N1 61C G . 11.46 -22.87 -6.95
C13 61C G . 12.81 -22.25 -6.72
C14 61C G . 13.84 -22.92 -7.56
N2 61C G . 13.82 -24.34 -7.22
PT1 61C G . 14.88 -25.20 -8.74
N4 61C G . 15.96 -26.04 -10.27
N3 61C G . 16.62 -24.59 -7.84
#